data_6UJJ
#
_entry.id   6UJJ
#
_cell.length_a   81.482
_cell.length_b   86.534
_cell.length_c   39.746
_cell.angle_alpha   90.000
_cell.angle_beta   90.000
_cell.angle_gamma   90.000
#
_symmetry.space_group_name_H-M   'P 21 21 2'
#
loop_
_entity.id
_entity.type
_entity.pdbx_description
1 polymer 'WD repeat-containing protein 5'
2 non-polymer 5-[4-(trifluoromethyl)phenyl]-1H-tetrazole
3 water water
#
_entity_poly.entity_id   1
_entity_poly.type   'polypeptide(L)'
_entity_poly.pdbx_seq_one_letter_code
;SATQSKPTPVKPNYALKFTLAGHTKAVSSVKFSPNGEWLASSSADKLIKIWGAYDGKFEKTISGHKLGISDVAWSSDSNL
LVSASDDKTLKIWDVSSGKCLKTLKGHSNYVFCCNFNPQSNLIVSGSFDESVRIWDVKTGKCLKTLPAHSDPVSAVHFNR
DGSLIVSSSYDGLCRIWDTASGQCLKTLIDDDNPPVSFVKFSPNGKYILAATLDNTLKLWDYSKGKCLKTYTGHKNEKYC
IFANFSVTGGKWIVSGSEDNLVYIWNLQTKEIVQKLQGHTDVVISTACHPTENIIASAALENDKTIKLWKSDC
;
_entity_poly.pdbx_strand_id   A
#
# COMPACT_ATOMS: atom_id res chain seq x y z
N PRO A 9 25.93 -7.80 -1.03
CA PRO A 9 25.66 -6.58 -1.82
C PRO A 9 25.56 -5.32 -0.96
N VAL A 10 26.56 -4.46 -1.04
CA VAL A 10 26.50 -3.17 -0.36
C VAL A 10 25.36 -2.33 -0.94
N LYS A 11 25.07 -2.55 -2.22
CA LYS A 11 23.99 -1.85 -2.92
C LYS A 11 23.28 -2.77 -3.90
N PRO A 12 21.98 -2.53 -4.17
CA PRO A 12 21.35 -3.18 -5.31
C PRO A 12 21.69 -2.38 -6.57
N ASN A 13 21.39 -2.89 -7.75
CA ASN A 13 21.53 -2.07 -8.96
C ASN A 13 20.27 -2.17 -9.83
N TYR A 14 19.16 -1.69 -9.30
CA TYR A 14 17.92 -1.65 -10.07
C TYR A 14 18.09 -0.80 -11.31
N ALA A 15 17.66 -1.35 -12.44
CA ALA A 15 17.68 -0.62 -13.70
C ALA A 15 16.33 -0.74 -14.40
N LEU A 16 15.95 0.28 -15.16
CA LEU A 16 14.64 0.30 -15.80
C LEU A 16 14.47 -0.81 -16.85
N LYS A 17 13.37 -1.55 -16.76
CA LYS A 17 13.10 -2.58 -17.76
C LYS A 17 11.89 -2.25 -18.64
N PHE A 18 10.80 -1.77 -18.02
CA PHE A 18 9.58 -1.48 -18.78
C PHE A 18 8.89 -0.22 -18.30
N THR A 19 8.27 0.51 -19.23
CA THR A 19 7.36 1.60 -18.86
C THR A 19 5.94 1.30 -19.34
N LEU A 20 4.98 1.39 -18.43
CA LEU A 20 3.60 0.96 -18.66
C LEU A 20 2.67 2.16 -18.71
N ALA A 21 2.10 2.42 -19.88
CA ALA A 21 1.20 3.56 -20.04
C ALA A 21 -0.21 3.10 -20.36
N GLY A 22 -1.19 3.82 -19.86
CA GLY A 22 -2.58 3.51 -20.17
C GLY A 22 -3.56 4.25 -19.30
N HIS A 23 -3.22 4.44 -18.03
CA HIS A 23 -4.07 5.25 -17.16
C HIS A 23 -4.10 6.70 -17.68
N THR A 24 -5.27 7.34 -17.59
CA THR A 24 -5.43 8.71 -18.11
C THR A 24 -5.43 9.80 -17.03
N LYS A 25 -5.30 9.40 -15.78
CA LYS A 25 -5.13 10.34 -14.67
C LYS A 25 -4.09 9.75 -13.72
N ALA A 26 -3.82 10.45 -12.62
CA ALA A 26 -2.83 10.00 -11.64
C ALA A 26 -3.01 8.52 -11.29
N VAL A 27 -1.90 7.78 -11.20
CA VAL A 27 -1.96 6.43 -10.63
C VAL A 27 -1.99 6.62 -9.10
N SER A 28 -2.65 5.72 -8.37
CA SER A 28 -2.71 5.84 -6.92
C SER A 28 -2.02 4.70 -6.17
N SER A 29 -2.01 3.51 -6.77
N SER A 29 -2.03 3.50 -6.75
CA SER A 29 -1.43 2.35 -6.11
CA SER A 29 -1.36 2.37 -6.12
C SER A 29 -1.07 1.24 -7.10
C SER A 29 -1.03 1.28 -7.13
N VAL A 30 0.04 0.55 -6.85
CA VAL A 30 0.42 -0.63 -7.63
C VAL A 30 0.75 -1.78 -6.67
N LYS A 31 0.35 -3.00 -7.03
CA LYS A 31 0.54 -4.17 -6.15
C LYS A 31 0.81 -5.42 -6.98
N PHE A 32 1.83 -6.20 -6.58
CA PHE A 32 2.10 -7.48 -7.23
C PHE A 32 1.21 -8.59 -6.67
N SER A 33 0.72 -9.47 -7.53
CA SER A 33 -0.04 -10.61 -7.04
C SER A 33 0.88 -11.54 -6.25
N PRO A 34 0.36 -12.18 -5.20
CA PRO A 34 1.19 -13.07 -4.38
C PRO A 34 1.85 -14.18 -5.18
N ASN A 35 1.22 -14.64 -6.26
CA ASN A 35 1.83 -15.70 -7.05
C ASN A 35 2.88 -15.16 -8.03
N GLY A 36 3.07 -13.84 -8.01
CA GLY A 36 4.13 -13.18 -8.76
C GLY A 36 3.88 -12.95 -10.25
N GLU A 37 2.72 -13.35 -10.75
CA GLU A 37 2.47 -13.28 -12.20
C GLU A 37 2.01 -11.91 -12.71
N TRP A 38 1.33 -11.15 -11.84
CA TRP A 38 0.64 -9.95 -12.25
C TRP A 38 0.95 -8.71 -11.42
N LEU A 39 0.75 -7.56 -12.04
CA LEU A 39 0.71 -6.28 -11.34
C LEU A 39 -0.69 -5.67 -11.48
N ALA A 40 -1.29 -5.20 -10.38
CA ALA A 40 -2.53 -4.43 -10.47
C ALA A 40 -2.26 -2.97 -10.17
N SER A 41 -2.95 -2.09 -10.88
CA SER A 41 -2.85 -0.67 -10.59
C SER A 41 -4.23 -0.04 -10.49
N SER A 42 -4.33 0.97 -9.65
CA SER A 42 -5.56 1.73 -9.50
C SER A 42 -5.29 3.21 -9.82
N SER A 43 -6.32 3.96 -10.17
CA SER A 43 -6.11 5.31 -10.64
C SER A 43 -7.29 6.23 -10.35
N ALA A 44 -7.00 7.54 -10.35
CA ALA A 44 -8.04 8.56 -10.30
C ALA A 44 -8.99 8.50 -11.50
N ASP A 45 -8.60 7.75 -12.53
CA ASP A 45 -9.44 7.62 -13.73
C ASP A 45 -10.56 6.60 -13.55
N LYS A 46 -10.72 6.11 -12.33
CA LYS A 46 -11.78 5.18 -11.90
C LYS A 46 -11.57 3.72 -12.33
N LEU A 47 -10.37 3.40 -12.82
CA LEU A 47 -10.13 2.08 -13.36
C LEU A 47 -9.07 1.31 -12.59
N ILE A 48 -9.15 -0.01 -12.66
CA ILE A 48 -8.10 -0.92 -12.23
C ILE A 48 -7.48 -1.50 -13.49
N LYS A 49 -6.16 -1.53 -13.60
CA LYS A 49 -5.56 -2.21 -14.76
C LYS A 49 -4.66 -3.35 -14.29
N ILE A 50 -4.63 -4.42 -15.06
CA ILE A 50 -3.79 -5.60 -14.78
C ILE A 50 -2.70 -5.69 -15.85
N TRP A 51 -1.47 -5.94 -15.41
CA TRP A 51 -0.29 -5.99 -16.27
C TRP A 51 0.53 -7.24 -15.95
N GLY A 52 1.28 -7.75 -16.93
CA GLY A 52 2.18 -8.86 -16.67
C GLY A 52 3.38 -8.40 -15.85
N ALA A 53 3.68 -9.13 -14.77
CA ALA A 53 4.73 -8.71 -13.85
C ALA A 53 6.12 -8.81 -14.44
N TYR A 54 6.30 -9.72 -15.40
CA TYR A 54 7.62 -10.00 -15.94
C TYR A 54 7.87 -9.38 -17.30
N ASP A 55 6.81 -9.10 -18.05
CA ASP A 55 6.97 -8.51 -19.39
C ASP A 55 6.35 -7.12 -19.49
N GLY A 56 5.66 -6.69 -18.43
CA GLY A 56 5.01 -5.38 -18.42
C GLY A 56 3.83 -5.22 -19.36
N LYS A 57 3.37 -6.34 -19.92
CA LYS A 57 2.37 -6.29 -20.99
C LYS A 57 0.98 -6.02 -20.42
N PHE A 58 0.28 -5.03 -20.97
CA PHE A 58 -1.09 -4.78 -20.52
C PHE A 58 -1.97 -6.03 -20.70
N GLU A 59 -2.74 -6.36 -19.65
CA GLU A 59 -3.59 -7.55 -19.67
C GLU A 59 -5.08 -7.21 -19.82
N LYS A 60 -5.64 -6.46 -18.87
N LYS A 60 -5.60 -6.39 -18.90
CA LYS A 60 -7.05 -6.08 -18.93
CA LYS A 60 -7.04 -6.15 -18.83
C LYS A 60 -7.36 -4.89 -18.04
C LYS A 60 -7.39 -4.92 -17.99
N THR A 61 -8.48 -4.24 -18.34
CA THR A 61 -9.02 -3.16 -17.51
C THR A 61 -10.25 -3.68 -16.76
N ILE A 62 -10.38 -3.33 -15.48
CA ILE A 62 -11.54 -3.68 -14.67
C ILE A 62 -12.26 -2.40 -14.26
N SER A 63 -13.56 -2.33 -14.53
CA SER A 63 -14.34 -1.09 -14.38
C SER A 63 -15.56 -1.29 -13.48
N GLY A 64 -16.06 -0.19 -12.93
CA GLY A 64 -17.28 -0.25 -12.14
C GLY A 64 -17.45 0.84 -11.09
N HIS A 65 -16.34 1.32 -10.51
CA HIS A 65 -16.45 2.40 -9.53
C HIS A 65 -16.91 3.69 -10.20
N LYS A 66 -17.61 4.52 -9.42
CA LYS A 66 -18.21 5.75 -9.94
C LYS A 66 -17.30 6.97 -9.82
N LEU A 67 -16.27 6.85 -9.00
CA LEU A 67 -15.29 7.92 -8.81
C LEU A 67 -13.90 7.30 -8.69
N GLY A 68 -12.89 8.15 -8.51
CA GLY A 68 -11.52 7.70 -8.46
C GLY A 68 -11.23 6.64 -7.41
N ILE A 69 -10.18 5.87 -7.64
CA ILE A 69 -9.77 4.77 -6.75
C ILE A 69 -8.45 5.10 -6.09
N SER A 70 -8.35 4.91 -4.77
CA SER A 70 -7.13 5.24 -4.02
C SER A 70 -6.21 4.04 -3.78
N ASP A 71 -6.77 2.84 -3.81
CA ASP A 71 -6.00 1.67 -3.40
C ASP A 71 -6.61 0.38 -3.96
N VAL A 72 -5.76 -0.62 -4.17
CA VAL A 72 -6.23 -1.95 -4.56
CA VAL A 72 -6.21 -1.97 -4.56
C VAL A 72 -5.35 -2.98 -3.83
N ALA A 73 -5.91 -4.15 -3.52
CA ALA A 73 -5.14 -5.20 -2.85
C ALA A 73 -5.57 -6.59 -3.31
N TRP A 74 -4.63 -7.53 -3.28
CA TRP A 74 -4.82 -8.91 -3.74
C TRP A 74 -5.17 -9.89 -2.62
N SER A 75 -6.04 -10.85 -2.91
CA SER A 75 -6.24 -11.99 -2.00
C SER A 75 -5.03 -12.92 -2.07
N SER A 76 -4.88 -13.76 -1.06
CA SER A 76 -3.68 -14.59 -0.92
C SER A 76 -3.50 -15.59 -2.07
N ASP A 77 -4.60 -16.04 -2.68
CA ASP A 77 -4.53 -17.00 -3.78
C ASP A 77 -4.41 -16.33 -5.16
N SER A 78 -4.21 -15.02 -5.15
CA SER A 78 -4.09 -14.18 -6.36
C SER A 78 -5.35 -14.14 -7.24
N ASN A 79 -6.49 -14.63 -6.74
CA ASN A 79 -7.69 -14.71 -7.58
C ASN A 79 -8.66 -13.52 -7.45
N LEU A 80 -8.62 -12.82 -6.32
CA LEU A 80 -9.49 -11.69 -6.07
C LEU A 80 -8.72 -10.39 -5.87
N LEU A 81 -9.38 -9.27 -6.16
CA LEU A 81 -8.88 -7.95 -5.78
C LEU A 81 -9.95 -7.25 -4.96
N VAL A 82 -9.52 -6.37 -4.06
CA VAL A 82 -10.43 -5.41 -3.45
C VAL A 82 -9.92 -3.99 -3.79
N SER A 83 -10.84 -3.07 -4.06
CA SER A 83 -10.51 -1.69 -4.39
C SER A 83 -11.22 -0.71 -3.46
N ALA A 84 -10.58 0.42 -3.16
CA ALA A 84 -11.14 1.46 -2.29
C ALA A 84 -11.35 2.75 -3.09
N SER A 85 -12.55 3.34 -3.03
CA SER A 85 -12.90 4.44 -3.94
C SER A 85 -13.46 5.69 -3.27
N ASP A 86 -13.33 6.83 -3.96
CA ASP A 86 -13.97 8.08 -3.53
C ASP A 86 -15.50 7.98 -3.54
N ASP A 87 -16.05 6.93 -4.17
CA ASP A 87 -17.50 6.78 -4.20
C ASP A 87 -18.05 6.17 -2.90
N LYS A 88 -17.19 6.12 -1.88
CA LYS A 88 -17.50 5.67 -0.50
C LYS A 88 -17.68 4.15 -0.34
N THR A 89 -17.36 3.40 -1.39
CA THR A 89 -17.48 1.93 -1.35
C THR A 89 -16.14 1.23 -1.56
N LEU A 90 -16.10 -0.04 -1.17
CA LEU A 90 -15.09 -0.96 -1.70
C LEU A 90 -15.76 -1.95 -2.63
N LYS A 91 -15.03 -2.46 -3.61
CA LYS A 91 -15.53 -3.55 -4.45
C LYS A 91 -14.58 -4.74 -4.43
N ILE A 92 -15.15 -5.93 -4.34
CA ILE A 92 -14.39 -7.18 -4.46
C ILE A 92 -14.55 -7.72 -5.88
N TRP A 93 -13.43 -8.02 -6.52
CA TRP A 93 -13.42 -8.44 -7.93
C TRP A 93 -12.87 -9.85 -8.14
N ASP A 94 -13.56 -10.64 -8.96
CA ASP A 94 -12.96 -11.87 -9.50
C ASP A 94 -12.08 -11.46 -10.67
N VAL A 95 -10.76 -11.61 -10.54
CA VAL A 95 -9.87 -11.02 -11.54
C VAL A 95 -10.01 -11.69 -12.90
N SER A 96 -10.14 -13.02 -12.90
CA SER A 96 -10.23 -13.77 -14.14
CA SER A 96 -10.21 -13.75 -14.15
C SER A 96 -11.44 -13.38 -14.99
N SER A 97 -12.59 -13.22 -14.33
CA SER A 97 -13.83 -12.93 -15.04
C SER A 97 -14.08 -11.43 -15.18
N GLY A 98 -13.43 -10.66 -14.32
CA GLY A 98 -13.66 -9.23 -14.24
C GLY A 98 -14.91 -8.85 -13.47
N LYS A 99 -15.63 -9.84 -12.94
CA LYS A 99 -16.88 -9.56 -12.24
C LYS A 99 -16.71 -8.91 -10.85
N CYS A 100 -17.52 -7.88 -10.60
CA CYS A 100 -17.66 -7.35 -9.24
C CYS A 100 -18.53 -8.31 -8.41
N LEU A 101 -17.90 -9.03 -7.49
CA LEU A 101 -18.58 -10.01 -6.66
C LEU A 101 -19.43 -9.35 -5.57
N LYS A 102 -18.88 -8.29 -4.95
CA LYS A 102 -19.56 -7.60 -3.84
C LYS A 102 -19.21 -6.12 -3.85
N THR A 103 -20.17 -5.28 -3.45
CA THR A 103 -19.89 -3.88 -3.17
C THR A 103 -20.09 -3.64 -1.69
N LEU A 104 -19.01 -3.21 -1.03
CA LEU A 104 -18.96 -3.06 0.42
C LEU A 104 -19.37 -1.64 0.81
N LYS A 105 -20.56 -1.52 1.39
CA LYS A 105 -21.15 -0.22 1.65
C LYS A 105 -21.25 0.03 3.15
N GLY A 106 -20.91 1.24 3.58
CA GLY A 106 -20.94 1.58 5.00
C GLY A 106 -20.18 2.84 5.37
N HIS A 107 -19.01 3.04 4.78
CA HIS A 107 -18.28 4.28 5.02
C HIS A 107 -19.11 5.49 4.58
N SER A 108 -18.90 6.62 5.25
CA SER A 108 -19.70 7.82 4.97
C SER A 108 -18.92 8.86 4.16
N ASN A 109 -17.72 8.53 3.74
CA ASN A 109 -16.92 9.40 2.90
C ASN A 109 -15.88 8.56 2.15
N TYR A 110 -14.93 9.21 1.48
CA TYR A 110 -13.94 8.51 0.64
C TYR A 110 -13.29 7.35 1.37
N VAL A 111 -13.13 6.22 0.68
CA VAL A 111 -12.35 5.11 1.23
C VAL A 111 -10.93 5.20 0.67
N PHE A 112 -9.92 5.21 1.55
CA PHE A 112 -8.55 5.53 1.14
C PHE A 112 -7.62 4.31 1.06
N CYS A 113 -7.93 3.26 1.79
CA CYS A 113 -6.98 2.15 1.92
C CYS A 113 -7.69 0.83 2.23
N CYS A 114 -7.09 -0.28 1.82
CA CYS A 114 -7.72 -1.59 1.98
C CYS A 114 -6.69 -2.73 1.92
N ASN A 115 -7.04 -3.88 2.52
CA ASN A 115 -6.17 -5.06 2.50
C ASN A 115 -6.97 -6.29 2.88
N PHE A 116 -6.63 -7.44 2.26
CA PHE A 116 -7.11 -8.74 2.75
C PHE A 116 -6.28 -9.20 3.96
N ASN A 117 -6.86 -10.01 4.84
CA ASN A 117 -6.04 -10.74 5.81
C ASN A 117 -5.40 -11.95 5.09
N PRO A 118 -4.35 -12.55 5.68
CA PRO A 118 -3.68 -13.71 5.06
C PRO A 118 -4.63 -14.85 4.65
N GLN A 119 -5.59 -15.20 5.51
CA GLN A 119 -6.57 -16.24 5.20
C GLN A 119 -7.47 -15.79 4.06
N SER A 120 -7.58 -14.47 3.90
CA SER A 120 -8.37 -13.79 2.87
C SER A 120 -9.87 -14.04 2.97
N ASN A 121 -10.35 -14.32 4.20
CA ASN A 121 -11.79 -14.31 4.45
C ASN A 121 -12.29 -12.95 4.94
N LEU A 122 -11.35 -12.05 5.28
CA LEU A 122 -11.67 -10.72 5.76
C LEU A 122 -10.99 -9.62 4.95
N ILE A 123 -11.61 -8.45 4.94
CA ILE A 123 -11.03 -7.24 4.36
C ILE A 123 -11.04 -6.13 5.42
N VAL A 124 -9.96 -5.35 5.49
CA VAL A 124 -9.97 -4.18 6.35
C VAL A 124 -9.90 -2.93 5.46
N SER A 125 -10.58 -1.86 5.88
CA SER A 125 -10.60 -0.61 5.14
C SER A 125 -10.43 0.59 6.07
N GLY A 126 -9.93 1.69 5.51
CA GLY A 126 -9.78 2.93 6.25
C GLY A 126 -10.30 4.07 5.39
N SER A 127 -10.87 5.10 6.02
CA SER A 127 -11.62 6.11 5.28
C SER A 127 -11.38 7.54 5.78
N PHE A 128 -11.73 8.49 4.93
CA PHE A 128 -11.76 9.91 5.29
C PHE A 128 -12.72 10.14 6.45
N ASP A 129 -13.67 9.22 6.62
CA ASP A 129 -14.66 9.35 7.69
C ASP A 129 -14.08 9.01 9.07
N GLU A 130 -12.78 8.69 9.09
CA GLU A 130 -11.96 8.55 10.31
C GLU A 130 -12.12 7.17 10.98
N SER A 131 -12.83 6.26 10.31
CA SER A 131 -13.04 4.94 10.87
C SER A 131 -12.28 3.85 10.11
N VAL A 132 -12.12 2.73 10.78
CA VAL A 132 -11.59 1.49 10.20
C VAL A 132 -12.72 0.47 10.20
N ARG A 133 -12.95 -0.21 9.09
CA ARG A 133 -14.01 -1.23 9.04
C ARG A 133 -13.43 -2.59 8.68
N ILE A 134 -14.02 -3.65 9.24
CA ILE A 134 -13.63 -5.04 8.95
C ILE A 134 -14.83 -5.71 8.31
N TRP A 135 -14.61 -6.33 7.15
CA TRP A 135 -15.68 -6.86 6.30
C TRP A 135 -15.54 -8.37 6.08
N ASP A 136 -16.67 -9.05 5.96
CA ASP A 136 -16.65 -10.46 5.58
C ASP A 136 -16.65 -10.58 4.05
N VAL A 137 -15.63 -11.24 3.51
CA VAL A 137 -15.45 -11.35 2.06
C VAL A 137 -16.59 -12.12 1.38
N LYS A 138 -17.01 -13.22 1.99
CA LYS A 138 -17.99 -14.08 1.36
C LYS A 138 -19.40 -13.47 1.35
N THR A 139 -19.77 -12.74 2.40
CA THR A 139 -21.09 -12.14 2.46
C THR A 139 -21.08 -10.65 2.08
N GLY A 140 -19.91 -10.02 2.15
CA GLY A 140 -19.83 -8.61 1.83
C GLY A 140 -20.37 -7.71 2.93
N LYS A 141 -20.66 -8.29 4.09
CA LYS A 141 -21.20 -7.54 5.21
C LYS A 141 -20.10 -6.94 6.10
N CYS A 142 -20.38 -5.76 6.64
CA CYS A 142 -19.46 -5.17 7.62
C CYS A 142 -19.58 -5.87 8.96
N LEU A 143 -18.48 -6.38 9.48
CA LEU A 143 -18.49 -7.06 10.78
C LEU A 143 -18.26 -6.10 11.95
N LYS A 144 -17.35 -5.15 11.77
CA LYS A 144 -16.98 -4.23 12.84
C LYS A 144 -16.68 -2.84 12.29
N THR A 145 -17.06 -1.81 13.06
CA THR A 145 -16.65 -0.44 12.75
C THR A 145 -15.85 0.08 13.93
N LEU A 146 -14.60 0.46 13.68
CA LEU A 146 -13.73 0.90 14.77
C LEU A 146 -13.61 2.43 14.76
N PRO A 147 -13.90 3.07 15.90
CA PRO A 147 -13.71 4.51 16.06
C PRO A 147 -12.23 4.83 16.16
N ALA A 148 -11.51 4.64 15.07
CA ALA A 148 -10.06 4.48 15.12
C ALA A 148 -9.24 5.74 15.35
N HIS A 149 -9.67 6.85 14.76
CA HIS A 149 -8.83 8.04 14.64
C HIS A 149 -9.66 9.31 14.66
N SER A 150 -9.01 10.47 14.73
CA SER A 150 -9.74 11.74 14.75
C SER A 150 -9.42 12.60 13.51
N ASP A 151 -8.90 11.96 12.48
CA ASP A 151 -8.59 12.56 11.19
C ASP A 151 -8.64 11.43 10.16
N PRO A 152 -8.59 11.73 8.86
CA PRO A 152 -8.62 10.63 7.88
C PRO A 152 -7.60 9.49 8.12
N VAL A 153 -8.03 8.27 7.84
CA VAL A 153 -7.20 7.09 7.98
C VAL A 153 -6.38 6.85 6.70
N SER A 154 -5.06 6.85 6.81
CA SER A 154 -4.20 6.78 5.63
C SER A 154 -3.76 5.39 5.21
N ALA A 155 -3.72 4.43 6.15
CA ALA A 155 -3.34 3.05 5.83
C ALA A 155 -3.92 2.06 6.82
N VAL A 156 -4.15 0.83 6.36
CA VAL A 156 -4.56 -0.30 7.21
C VAL A 156 -3.87 -1.57 6.69
N HIS A 157 -3.44 -2.45 7.60
CA HIS A 157 -2.70 -3.64 7.20
C HIS A 157 -2.86 -4.75 8.27
N PHE A 158 -3.03 -5.99 7.83
CA PHE A 158 -3.02 -7.12 8.77
C PHE A 158 -1.61 -7.62 9.02
N ASN A 159 -1.33 -8.16 10.20
CA ASN A 159 -0.06 -8.85 10.41
C ASN A 159 -0.09 -10.28 9.85
N ARG A 160 1.00 -11.01 10.05
CA ARG A 160 1.27 -12.25 9.34
C ARG A 160 0.26 -13.36 9.62
N ASP A 161 -0.36 -13.36 10.79
CA ASP A 161 -1.35 -14.41 11.08
C ASP A 161 -2.77 -13.84 11.17
N GLY A 162 -2.92 -12.56 10.81
CA GLY A 162 -4.23 -11.93 10.70
C GLY A 162 -4.89 -11.52 12.02
N SER A 163 -4.19 -11.71 13.14
CA SER A 163 -4.78 -11.46 14.45
C SER A 163 -4.70 -9.99 14.86
N LEU A 164 -3.87 -9.24 14.15
CA LEU A 164 -3.70 -7.81 14.40
C LEU A 164 -3.88 -6.97 13.13
N ILE A 165 -4.41 -5.77 13.35
CA ILE A 165 -4.52 -4.74 12.32
C ILE A 165 -3.76 -3.52 12.80
N VAL A 166 -2.93 -2.93 11.94
CA VAL A 166 -2.34 -1.62 12.25
C VAL A 166 -2.98 -0.57 11.35
N SER A 167 -3.28 0.59 11.95
CA SER A 167 -3.87 1.71 11.21
C SER A 167 -3.05 2.97 11.46
N SER A 168 -3.10 3.89 10.52
CA SER A 168 -2.38 5.16 10.66
C SER A 168 -3.28 6.30 10.23
N SER A 169 -3.01 7.50 10.70
CA SER A 169 -3.87 8.64 10.39
C SER A 169 -3.11 9.95 10.40
N TYR A 170 -3.68 10.94 9.71
CA TYR A 170 -3.15 12.29 9.76
C TYR A 170 -3.26 12.89 11.17
N ASP A 171 -3.94 12.20 12.09
CA ASP A 171 -3.97 12.66 13.48
C ASP A 171 -2.65 12.38 14.21
N GLY A 172 -1.70 11.76 13.52
CA GLY A 172 -0.37 11.55 14.06
C GLY A 172 -0.18 10.23 14.78
N LEU A 173 -1.24 9.42 14.84
CA LEU A 173 -1.20 8.15 15.56
C LEU A 173 -1.09 6.94 14.66
N CYS A 174 -0.37 5.92 15.13
CA CYS A 174 -0.49 4.56 14.62
C CYS A 174 -1.16 3.76 15.72
N ARG A 175 -2.16 2.96 15.38
CA ARG A 175 -2.83 2.13 16.38
C ARG A 175 -2.88 0.68 15.96
N ILE A 176 -2.85 -0.20 16.95
CA ILE A 176 -2.91 -1.64 16.70
C ILE A 176 -4.19 -2.20 17.31
N TRP A 177 -4.92 -2.97 16.52
CA TRP A 177 -6.25 -3.46 16.86
C TRP A 177 -6.29 -4.98 16.88
N ASP A 178 -7.06 -5.53 17.82
CA ASP A 178 -7.33 -6.96 17.81
C ASP A 178 -8.40 -7.26 16.77
N THR A 179 -8.08 -8.11 15.79
CA THR A 179 -9.02 -8.38 14.71
C THR A 179 -10.33 -8.99 15.23
N ALA A 180 -10.21 -9.94 16.12
CA ALA A 180 -11.36 -10.71 16.62
C ALA A 180 -12.31 -9.85 17.44
N SER A 181 -11.77 -9.01 18.32
CA SER A 181 -12.59 -8.25 19.27
C SER A 181 -12.80 -6.79 18.89
N GLY A 182 -11.88 -6.23 18.10
CA GLY A 182 -11.94 -4.84 17.72
C GLY A 182 -11.35 -3.90 18.77
N GLN A 183 -10.79 -4.46 19.83
CA GLN A 183 -10.20 -3.64 20.90
C GLN A 183 -8.92 -2.95 20.42
N CYS A 184 -8.75 -1.69 20.82
CA CYS A 184 -7.49 -0.98 20.60
C CYS A 184 -6.43 -1.52 21.57
N LEU A 185 -5.40 -2.16 21.03
CA LEU A 185 -4.38 -2.79 21.85
C LEU A 185 -3.19 -1.87 22.15
N LYS A 186 -2.96 -0.90 21.28
CA LYS A 186 -1.77 -0.08 21.40
C LYS A 186 -1.87 1.20 20.58
N THR A 187 -1.35 2.30 21.13
CA THR A 187 -1.21 3.54 20.39
C THR A 187 0.26 3.95 20.43
N LEU A 188 0.84 4.12 19.25
CA LEU A 188 2.26 4.47 19.14
CA LEU A 188 2.26 4.46 19.13
C LEU A 188 2.46 5.98 18.98
N ILE A 189 3.23 6.58 19.88
CA ILE A 189 3.57 7.99 19.82
C ILE A 189 5.06 8.21 19.98
N ASP A 190 5.62 9.12 19.18
CA ASP A 190 7.03 9.48 19.27
C ASP A 190 7.17 10.74 20.12
N ASP A 191 8.31 11.43 20.03
CA ASP A 191 8.49 12.69 20.74
C ASP A 191 7.68 13.79 20.09
N ASP A 192 7.36 13.60 18.82
CA ASP A 192 6.41 14.48 18.13
C ASP A 192 5.48 13.63 17.27
N ASN A 193 4.32 14.20 16.93
CA ASN A 193 3.33 13.47 16.15
C ASN A 193 2.92 14.18 14.85
N PRO A 194 3.83 14.21 13.86
CA PRO A 194 3.42 14.66 12.52
C PRO A 194 2.38 13.70 11.93
N PRO A 195 1.55 14.17 10.99
CA PRO A 195 0.60 13.28 10.32
C PRO A 195 1.28 12.02 9.81
N VAL A 196 0.67 10.86 10.07
CA VAL A 196 1.20 9.61 9.57
C VAL A 196 0.47 9.25 8.28
N SER A 197 1.23 9.13 7.19
CA SER A 197 0.67 8.98 5.86
C SER A 197 0.69 7.54 5.35
N PHE A 198 1.37 6.65 6.07
CA PHE A 198 1.42 5.24 5.68
C PHE A 198 1.95 4.37 6.83
N VAL A 199 1.45 3.15 6.89
CA VAL A 199 1.98 2.20 7.86
C VAL A 199 1.75 0.76 7.36
N LYS A 200 2.68 -0.13 7.69
CA LYS A 200 2.49 -1.58 7.48
C LYS A 200 3.37 -2.41 8.43
N PHE A 201 2.97 -3.65 8.68
CA PHE A 201 3.80 -4.61 9.41
C PHE A 201 4.96 -5.08 8.55
N SER A 202 6.08 -5.41 9.19
CA SER A 202 7.19 -6.11 8.55
C SER A 202 6.74 -7.51 8.18
N PRO A 203 7.44 -8.16 7.22
CA PRO A 203 7.09 -9.54 6.87
C PRO A 203 7.00 -10.51 8.07
N ASN A 204 7.91 -10.41 9.03
CA ASN A 204 7.88 -11.34 10.17
C ASN A 204 6.91 -10.91 11.26
N GLY A 205 6.26 -9.77 11.06
CA GLY A 205 5.23 -9.29 11.96
C GLY A 205 5.76 -8.60 13.21
N LYS A 206 7.08 -8.59 13.38
CA LYS A 206 7.66 -8.06 14.61
C LYS A 206 7.74 -6.55 14.65
N TYR A 207 7.80 -5.94 13.47
CA TYR A 207 8.02 -4.50 13.38
C TYR A 207 6.93 -3.80 12.60
N ILE A 208 6.90 -2.49 12.75
CA ILE A 208 6.01 -1.67 11.95
C ILE A 208 6.79 -0.55 11.25
N LEU A 209 6.51 -0.34 9.96
CA LEU A 209 7.13 0.74 9.20
C LEU A 209 6.11 1.85 8.99
N ALA A 210 6.45 3.06 9.40
CA ALA A 210 5.54 4.19 9.34
C ALA A 210 6.14 5.39 8.61
N ALA A 211 5.36 5.99 7.72
CA ALA A 211 5.76 7.20 7.02
C ALA A 211 5.05 8.41 7.61
N THR A 212 5.80 9.49 7.88
CA THR A 212 5.22 10.73 8.39
C THR A 212 5.55 11.88 7.45
N LEU A 213 4.68 12.89 7.44
CA LEU A 213 4.81 14.01 6.51
C LEU A 213 5.85 15.05 6.93
N ASP A 214 6.87 14.60 7.64
CA ASP A 214 8.06 15.40 7.91
C ASP A 214 9.25 14.73 7.24
N ASN A 215 9.00 14.10 6.10
CA ASN A 215 10.05 13.51 5.28
C ASN A 215 10.81 12.39 5.98
N THR A 216 10.09 11.56 6.71
CA THR A 216 10.73 10.55 7.54
C THR A 216 10.01 9.22 7.49
N LEU A 217 10.77 8.14 7.39
CA LEU A 217 10.26 6.79 7.64
C LEU A 217 10.81 6.28 8.97
N LYS A 218 9.96 5.64 9.76
CA LYS A 218 10.39 5.08 11.04
C LYS A 218 10.11 3.58 11.12
N LEU A 219 11.08 2.83 11.61
CA LEU A 219 10.86 1.42 11.93
C LEU A 219 10.60 1.28 13.43
N TRP A 220 9.42 0.79 13.78
CA TRP A 220 9.01 0.60 15.18
C TRP A 220 9.01 -0.85 15.63
N ASP A 221 9.55 -1.11 16.82
CA ASP A 221 9.27 -2.35 17.53
C ASP A 221 8.00 -2.11 18.31
N TYR A 222 6.84 -2.57 17.81
CA TYR A 222 5.61 -2.15 18.46
C TYR A 222 5.34 -2.88 19.79
N SER A 223 5.84 -4.10 19.94
CA SER A 223 5.61 -4.81 21.21
C SER A 223 6.29 -4.04 22.35
N LYS A 224 7.42 -3.40 22.04
CA LYS A 224 8.14 -2.59 23.01
C LYS A 224 7.79 -1.10 22.90
N GLY A 225 7.06 -0.74 21.85
CA GLY A 225 6.65 0.64 21.64
C GLY A 225 7.80 1.60 21.41
N LYS A 226 8.86 1.12 20.76
CA LYS A 226 10.07 1.93 20.57
C LYS A 226 10.41 2.10 19.09
N CYS A 227 10.84 3.30 18.72
CA CYS A 227 11.33 3.55 17.37
C CYS A 227 12.79 3.13 17.26
N LEU A 228 13.07 2.15 16.41
CA LEU A 228 14.42 1.65 16.23
C LEU A 228 15.21 2.42 15.16
N LYS A 229 14.81 2.24 13.90
CA LYS A 229 15.49 2.88 12.77
C LYS A 229 14.73 4.08 12.22
N THR A 230 15.47 4.92 11.50
CA THR A 230 14.93 6.12 10.87
C THR A 230 15.54 6.27 9.48
N TYR A 231 14.69 6.51 8.48
CA TYR A 231 15.16 6.62 7.09
C TYR A 231 14.77 7.99 6.52
N THR A 232 15.76 8.75 6.09
CA THR A 232 15.50 10.08 5.54
C THR A 232 16.30 10.32 4.27
N GLY A 233 16.15 11.50 3.69
CA GLY A 233 16.84 11.83 2.45
C GLY A 233 15.86 12.11 1.32
N HIS A 234 14.68 11.51 1.40
CA HIS A 234 13.64 11.68 0.41
C HIS A 234 12.74 12.85 0.76
N LYS A 235 11.74 13.12 -0.07
CA LYS A 235 10.79 14.19 0.20
C LYS A 235 9.36 13.64 0.33
N ASN A 236 8.69 13.95 1.43
CA ASN A 236 7.32 13.51 1.65
C ASN A 236 6.63 14.41 2.65
N GLU A 237 5.98 15.47 2.17
CA GLU A 237 5.30 16.44 3.02
C GLU A 237 3.81 16.55 2.73
N LYS A 238 3.34 15.86 1.69
CA LYS A 238 1.97 16.03 1.24
C LYS A 238 1.19 14.74 1.04
N TYR A 239 1.77 13.79 0.31
CA TYR A 239 1.03 12.64 -0.19
C TYR A 239 1.14 11.37 0.64
N CYS A 240 0.13 10.51 0.51
CA CYS A 240 0.18 9.12 0.99
C CYS A 240 1.05 8.27 0.11
N ILE A 241 2.34 8.20 0.42
CA ILE A 241 3.28 7.42 -0.37
C ILE A 241 3.58 6.07 0.27
N PHE A 242 3.37 4.99 -0.48
CA PHE A 242 3.60 3.64 0.02
C PHE A 242 5.10 3.41 0.30
N ALA A 243 5.41 2.59 1.29
CA ALA A 243 6.79 2.14 1.49
C ALA A 243 6.80 0.62 1.66
N ASN A 244 7.95 0.01 1.41
CA ASN A 244 8.02 -1.46 1.37
C ASN A 244 9.25 -2.01 2.04
N PHE A 245 9.14 -3.24 2.51
CA PHE A 245 10.32 -4.06 2.79
C PHE A 245 10.68 -4.86 1.54
N SER A 246 11.92 -4.75 1.09
CA SER A 246 12.42 -5.62 0.03
C SER A 246 13.29 -6.72 0.65
N VAL A 247 12.95 -7.97 0.38
CA VAL A 247 13.62 -9.07 1.07
C VAL A 247 14.08 -10.20 0.18
N THR A 248 13.94 -10.06 -1.13
CA THR A 248 14.26 -11.14 -2.06
C THR A 248 15.77 -11.23 -2.27
N GLY A 249 16.46 -10.11 -2.17
CA GLY A 249 17.90 -10.07 -2.30
C GLY A 249 18.50 -9.51 -1.02
N GLY A 250 19.18 -8.38 -1.11
CA GLY A 250 19.59 -7.67 0.08
C GLY A 250 18.37 -7.13 0.80
N LYS A 251 18.53 -6.74 2.05
CA LYS A 251 17.40 -6.24 2.84
C LYS A 251 17.34 -4.73 2.73
N TRP A 252 16.33 -4.24 2.00
CA TRP A 252 16.19 -2.80 1.77
C TRP A 252 14.86 -2.27 2.25
N ILE A 253 14.81 -0.96 2.45
CA ILE A 253 13.55 -0.22 2.51
C ILE A 253 13.39 0.51 1.16
N VAL A 254 12.18 0.47 0.60
CA VAL A 254 11.87 1.11 -0.68
C VAL A 254 10.70 2.07 -0.54
N SER A 255 10.82 3.28 -1.09
CA SER A 255 9.74 4.25 -1.03
C SER A 255 9.72 5.17 -2.23
N GLY A 256 8.56 5.73 -2.54
CA GLY A 256 8.45 6.82 -3.49
C GLY A 256 8.81 8.13 -2.81
N SER A 257 8.71 9.23 -3.54
CA SER A 257 9.20 10.53 -3.07
C SER A 257 8.61 11.63 -3.93
N GLU A 258 8.48 12.82 -3.36
CA GLU A 258 7.86 13.95 -4.04
C GLU A 258 8.85 14.73 -4.91
N ASP A 259 10.09 14.22 -5.00
CA ASP A 259 11.08 14.77 -5.91
C ASP A 259 11.26 13.87 -7.14
N ASN A 260 10.25 13.01 -7.36
CA ASN A 260 10.13 12.17 -8.57
C ASN A 260 11.04 10.95 -8.61
N LEU A 261 11.66 10.61 -7.50
CA LEU A 261 12.59 9.47 -7.44
C LEU A 261 12.06 8.32 -6.60
N VAL A 262 12.55 7.11 -6.90
CA VAL A 262 12.40 5.97 -5.99
C VAL A 262 13.62 5.89 -5.07
N TYR A 263 13.40 5.92 -3.76
CA TYR A 263 14.49 5.79 -2.80
C TYR A 263 14.62 4.38 -2.27
N ILE A 264 15.86 3.90 -2.17
CA ILE A 264 16.14 2.59 -1.59
C ILE A 264 17.20 2.73 -0.47
N TRP A 265 16.91 2.19 0.71
CA TRP A 265 17.81 2.28 1.86
C TRP A 265 18.28 0.90 2.30
N ASN A 266 19.49 0.84 2.87
CA ASN A 266 19.93 -0.32 3.64
C ASN A 266 19.10 -0.42 4.92
N LEU A 267 18.37 -1.52 5.09
CA LEU A 267 17.47 -1.67 6.25
C LEU A 267 18.23 -1.50 7.57
N GLN A 268 19.45 -2.03 7.60
CA GLN A 268 20.21 -2.07 8.84
C GLN A 268 20.96 -0.77 9.11
N THR A 269 21.63 -0.24 8.09
CA THR A 269 22.52 0.90 8.26
C THR A 269 21.82 2.23 8.03
N LYS A 270 20.60 2.18 7.49
CA LYS A 270 19.77 3.34 7.18
C LYS A 270 20.35 4.23 6.08
N GLU A 271 21.42 3.77 5.44
CA GLU A 271 22.01 4.57 4.38
C GLU A 271 21.26 4.41 3.06
N ILE A 272 21.15 5.50 2.31
CA ILE A 272 20.59 5.45 0.97
C ILE A 272 21.54 4.67 0.06
N VAL A 273 21.02 3.65 -0.61
CA VAL A 273 21.87 2.81 -1.45
C VAL A 273 21.59 3.00 -2.94
N GLN A 274 20.41 3.50 -3.29
CA GLN A 274 20.08 3.76 -4.68
C GLN A 274 18.93 4.75 -4.80
N LYS A 275 18.98 5.62 -5.81
CA LYS A 275 17.86 6.50 -6.15
C LYS A 275 17.50 6.31 -7.64
N LEU A 276 16.30 5.81 -7.91
CA LEU A 276 15.93 5.47 -9.29
C LEU A 276 15.30 6.66 -10.00
N GLN A 277 15.92 7.08 -11.10
CA GLN A 277 15.49 8.25 -11.87
C GLN A 277 14.73 7.82 -13.12
N GLY A 278 13.70 8.57 -13.50
CA GLY A 278 12.93 8.27 -14.70
C GLY A 278 11.54 8.89 -14.71
N HIS A 279 10.89 8.91 -13.55
CA HIS A 279 9.57 9.52 -13.48
C HIS A 279 9.64 11.05 -13.59
N THR A 280 8.54 11.65 -14.05
CA THR A 280 8.49 13.10 -14.23
C THR A 280 7.48 13.79 -13.31
N ASP A 281 6.94 13.05 -12.34
CA ASP A 281 6.07 13.61 -11.31
C ASP A 281 6.27 12.79 -10.02
N VAL A 282 5.59 13.20 -8.96
CA VAL A 282 5.67 12.49 -7.68
C VAL A 282 5.52 10.97 -7.82
N VAL A 283 6.43 10.22 -7.21
CA VAL A 283 6.27 8.77 -7.20
C VAL A 283 5.42 8.41 -5.98
N ILE A 284 4.15 8.11 -6.25
CA ILE A 284 3.15 7.95 -5.20
C ILE A 284 3.15 6.53 -4.62
N SER A 285 3.60 5.57 -5.40
CA SER A 285 3.46 4.16 -5.00
C SER A 285 4.63 3.34 -5.51
N THR A 286 5.10 2.43 -4.68
CA THR A 286 6.07 1.43 -5.10
C THR A 286 5.62 0.07 -4.55
N ALA A 287 6.04 -0.99 -5.20
CA ALA A 287 5.75 -2.35 -4.75
C ALA A 287 6.95 -3.24 -5.05
N CYS A 288 7.14 -4.27 -4.22
CA CYS A 288 8.26 -5.20 -4.38
C CYS A 288 7.77 -6.60 -4.75
N HIS A 289 8.35 -7.19 -5.77
CA HIS A 289 7.93 -8.50 -6.24
C HIS A 289 8.16 -9.57 -5.16
N PRO A 290 7.22 -10.53 -5.02
CA PRO A 290 7.30 -11.49 -3.92
C PRO A 290 8.50 -12.45 -3.98
N THR A 291 9.00 -12.78 -5.17
CA THR A 291 10.09 -13.74 -5.26
C THR A 291 11.31 -13.28 -6.05
N GLU A 292 11.13 -12.34 -6.97
CA GLU A 292 12.23 -11.82 -7.77
C GLU A 292 12.64 -10.40 -7.35
N ASN A 293 13.87 -10.00 -7.70
CA ASN A 293 14.36 -8.67 -7.39
C ASN A 293 13.78 -7.65 -8.38
N ILE A 294 12.49 -7.41 -8.26
CA ILE A 294 11.78 -6.51 -9.17
C ILE A 294 10.95 -5.50 -8.38
N ILE A 295 11.03 -4.24 -8.78
CA ILE A 295 10.24 -3.16 -8.15
C ILE A 295 9.29 -2.55 -9.19
N ALA A 296 8.05 -2.26 -8.78
CA ALA A 296 7.17 -1.44 -9.60
C ALA A 296 7.01 -0.07 -8.96
N SER A 297 6.99 0.98 -9.78
CA SER A 297 6.75 2.35 -9.29
C SER A 297 5.68 3.03 -10.12
N ALA A 298 4.95 3.96 -9.52
CA ALA A 298 3.89 4.67 -10.25
C ALA A 298 3.87 6.15 -9.86
N ALA A 299 3.46 6.99 -10.81
CA ALA A 299 3.57 8.44 -10.58
C ALA A 299 2.25 9.17 -10.79
N LEU A 300 2.22 10.42 -10.32
CA LEU A 300 1.01 11.24 -10.34
C LEU A 300 0.71 11.85 -11.72
N GLU A 301 -0.24 12.78 -11.72
CA GLU A 301 -0.93 13.23 -12.94
C GLU A 301 -0.05 13.73 -14.10
N ASN A 302 1.09 14.35 -13.81
CA ASN A 302 1.87 14.93 -14.90
C ASN A 302 2.71 13.89 -15.64
N ASP A 303 2.75 12.68 -15.07
CA ASP A 303 3.51 11.53 -15.57
C ASP A 303 2.58 10.41 -16.06
N LYS A 304 1.78 9.86 -15.13
CA LYS A 304 0.75 8.85 -15.41
C LYS A 304 1.27 7.44 -15.75
N THR A 305 2.57 7.22 -15.71
CA THR A 305 3.12 5.91 -16.05
C THR A 305 3.52 5.08 -14.85
N ILE A 306 3.64 3.78 -15.10
CA ILE A 306 4.15 2.79 -14.17
C ILE A 306 5.47 2.28 -14.72
N LYS A 307 6.48 2.11 -13.86
CA LYS A 307 7.76 1.58 -14.32
C LYS A 307 8.13 0.29 -13.59
N LEU A 308 8.71 -0.65 -14.33
CA LEU A 308 9.22 -1.89 -13.77
C LEU A 308 10.74 -1.88 -13.82
N TRP A 309 11.36 -2.19 -12.67
CA TRP A 309 12.80 -2.15 -12.47
C TRP A 309 13.31 -3.51 -12.01
N LYS A 310 14.56 -3.84 -12.37
CA LYS A 310 15.11 -5.14 -12.04
C LYS A 310 16.56 -5.01 -11.58
N SER A 311 16.91 -5.74 -10.53
CA SER A 311 18.27 -5.76 -10.00
C SER A 311 18.87 -7.16 -10.06
N ASP A 312 20.19 -7.25 -10.05
CA ASP A 312 20.83 -8.56 -9.99
C ASP A 312 20.99 -9.04 -8.55
N CYS A 313 20.68 -8.17 -7.59
CA CYS A 313 20.82 -8.50 -6.17
C CYS A 313 19.87 -7.69 -5.28
#